data_7Z2O
#
_entry.id   7Z2O
#
_cell.length_a   45.310
_cell.length_b   68.800
_cell.length_c   160.210
_cell.angle_alpha   90.000
_cell.angle_beta   90.000
_cell.angle_gamma   90.000
#
_symmetry.space_group_name_H-M   'P 21 21 21'
#
loop_
_entity.id
_entity.type
_entity.pdbx_description
1 polymer 'Protein mono-ADP-ribosyltransferase PARP15'
2 non-polymer 8-methoxy-[1,2,4]triazolo[3,4-b][1,3]benzothiazole
3 non-polymer 'DIMETHYL SULFOXIDE'
4 water water
#
_entity_poly.entity_id   1
_entity_poly.type   'polypeptide(L)'
_entity_poly.pdbx_seq_one_letter_code
;MHHHHHHSSGVDLGTENLYFQSMNLPEHWTDMNHQLFCMVQLEPGQSEYNTIKDKFTRTCSSYAIEKIERIQNAFLWQSY
QVKKRQMDIKNDHKNNERLLFHGTDADSVPYVNQHGFNRSCAGKNAVSYGKGTYFAVDASYSAKDTYSKPDSNGRKHMYV
VRVLTGVFTKGRAGLVTPPPKNPHNPTDLFDSVTNNTRSPKLFVVFFDNQAYPEYLITFTA
;
_entity_poly.pdbx_strand_id   A,B
#
loop_
_chem_comp.id
_chem_comp.type
_chem_comp.name
_chem_comp.formula
DMS non-polymer 'DIMETHYL SULFOXIDE' 'C2 H6 O S'
IAJ non-polymer 8-methoxy-[1,2,4]triazolo[3,4-b][1,3]benzothiazole 'C9 H7 N3 O S'
#
# COMPACT_ATOMS: atom_id res chain seq x y z
N ASN A 24 -14.14 -8.28 12.03
CA ASN A 24 -14.64 -9.62 11.57
C ASN A 24 -13.46 -10.58 11.47
N LEU A 25 -12.90 -10.95 12.62
CA LEU A 25 -11.67 -11.77 12.76
C LEU A 25 -12.02 -13.27 12.69
N PRO A 26 -11.23 -14.09 11.95
CA PRO A 26 -11.58 -15.48 11.68
C PRO A 26 -11.83 -16.32 12.94
N GLU A 27 -12.76 -17.29 12.87
CA GLU A 27 -13.14 -18.19 14.01
C GLU A 27 -11.88 -18.88 14.55
N HIS A 28 -10.99 -19.38 13.67
CA HIS A 28 -9.83 -20.25 14.00
C HIS A 28 -8.75 -19.45 14.73
N TRP A 29 -8.81 -18.13 14.64
CA TRP A 29 -8.02 -17.28 15.54
C TRP A 29 -8.46 -17.59 16.96
N THR A 30 -7.54 -17.43 17.89
CA THR A 30 -7.84 -17.61 19.32
C THR A 30 -7.92 -16.21 19.93
N ASP A 31 -8.63 -16.12 21.04
CA ASP A 31 -8.95 -14.85 21.73
C ASP A 31 -7.67 -14.05 21.96
N MET A 32 -7.72 -12.73 21.81
CA MET A 32 -6.52 -11.88 21.99
C MET A 32 -6.67 -10.90 23.15
N ASN A 33 -7.59 -11.17 24.09
CA ASN A 33 -7.78 -10.30 25.29
C ASN A 33 -7.84 -8.84 24.82
N HIS A 34 -8.66 -8.55 23.81
CA HIS A 34 -8.95 -7.19 23.28
C HIS A 34 -7.70 -6.53 22.69
N GLN A 35 -6.63 -7.28 22.35
CA GLN A 35 -5.47 -6.74 21.58
C GLN A 35 -5.65 -6.97 20.08
N LEU A 36 -4.86 -6.29 19.26
CA LEU A 36 -5.00 -6.29 17.79
C LEU A 36 -3.87 -7.06 17.09
N PHE A 37 -2.85 -7.52 17.82
CA PHE A 37 -1.74 -8.31 17.24
C PHE A 37 -1.30 -9.39 18.21
N CYS A 38 -1.29 -10.64 17.76
CA CYS A 38 -0.73 -11.77 18.52
C CYS A 38 -0.08 -12.76 17.55
N MET A 39 1.08 -13.30 17.91
CA MET A 39 1.65 -14.52 17.28
C MET A 39 1.28 -15.71 18.17
N VAL A 40 0.58 -16.69 17.61
CA VAL A 40 0.06 -17.84 18.41
C VAL A 40 0.77 -19.12 17.97
N GLN A 41 1.58 -19.71 18.84
CA GLN A 41 2.28 -20.96 18.49
C GLN A 41 1.23 -22.07 18.35
N LEU A 42 1.26 -22.79 17.23
CA LEU A 42 0.33 -23.92 17.01
C LEU A 42 0.77 -25.17 17.80
N GLU A 43 -0.22 -25.94 18.20
CA GLU A 43 -0.04 -27.24 18.87
C GLU A 43 0.31 -28.30 17.82
N PRO A 44 1.51 -28.93 17.87
CA PRO A 44 1.83 -30.01 16.93
C PRO A 44 0.82 -31.16 17.00
N GLY A 45 0.46 -31.70 15.84
CA GLY A 45 -0.39 -32.89 15.73
C GLY A 45 -1.87 -32.53 15.69
N GLN A 46 -2.22 -31.26 15.93
CA GLN A 46 -3.62 -30.82 15.71
C GLN A 46 -3.79 -30.44 14.24
N SER A 47 -5.04 -30.40 13.81
CA SER A 47 -5.44 -30.30 12.38
C SER A 47 -4.76 -29.11 11.69
N GLU A 48 -4.78 -27.94 12.33
CA GLU A 48 -4.26 -26.71 11.69
C GLU A 48 -2.74 -26.85 11.48
N TYR A 49 -2.00 -27.21 12.51
CA TYR A 49 -0.54 -27.45 12.41
C TYR A 49 -0.27 -28.49 11.31
N ASN A 50 -1.03 -29.58 11.30
CA ASN A 50 -0.81 -30.70 10.33
C ASN A 50 -0.99 -30.16 8.90
N THR A 51 -2.00 -29.35 8.66
CA THR A 51 -2.33 -28.81 7.33
C THR A 51 -1.15 -27.97 6.84
N ILE A 52 -0.63 -27.09 7.69
CA ILE A 52 0.43 -26.14 7.27
C ILE A 52 1.72 -26.96 7.13
N LYS A 53 2.00 -27.86 8.07
CA LYS A 53 3.21 -28.70 7.99
C LYS A 53 3.21 -29.45 6.65
N ASP A 54 2.09 -30.05 6.25
CA ASP A 54 2.02 -30.85 5.00
CA ASP A 54 2.00 -30.85 5.00
C ASP A 54 2.33 -29.97 3.78
N LYS A 55 1.85 -28.74 3.77
CA LYS A 55 2.06 -27.80 2.63
C LYS A 55 3.57 -27.57 2.45
N PHE A 56 4.27 -27.48 3.57
CA PHE A 56 5.74 -27.28 3.61
C PHE A 56 6.44 -28.57 3.21
N THR A 57 6.06 -29.69 3.82
CA THR A 57 6.80 -30.97 3.62
C THR A 57 6.58 -31.52 2.23
N ARG A 58 5.61 -31.02 1.47
CA ARG A 58 5.42 -31.43 0.04
C ARG A 58 6.76 -31.26 -0.69
N THR A 59 7.52 -30.21 -0.39
CA THR A 59 8.82 -29.94 -1.06
C THR A 59 10.01 -29.78 -0.10
N CYS A 60 9.79 -29.75 1.23
CA CYS A 60 10.86 -29.45 2.23
C CYS A 60 10.89 -30.52 3.31
N SER A 61 10.68 -31.79 2.95
CA SER A 61 10.58 -32.88 3.95
C SER A 61 11.94 -33.11 4.63
N SER A 62 13.06 -32.61 4.09
CA SER A 62 14.40 -32.81 4.68
C SER A 62 14.71 -31.75 5.75
N TYR A 63 13.85 -30.76 5.90
CA TYR A 63 14.02 -29.67 6.89
C TYR A 63 13.19 -29.98 8.13
N ALA A 64 13.75 -29.67 9.30
CA ALA A 64 13.13 -29.88 10.62
C ALA A 64 12.34 -28.63 11.03
N ILE A 65 11.07 -28.80 11.37
CA ILE A 65 10.18 -27.72 11.84
C ILE A 65 10.34 -27.60 13.35
N GLU A 66 10.80 -26.43 13.82
CA GLU A 66 10.91 -26.10 15.25
C GLU A 66 9.53 -25.66 15.73
N LYS A 67 8.85 -24.79 14.98
CA LYS A 67 7.51 -24.33 15.38
C LYS A 67 6.81 -23.69 14.20
N ILE A 68 5.48 -23.60 14.32
CA ILE A 68 4.63 -22.88 13.36
C ILE A 68 3.79 -21.94 14.21
N GLU A 69 3.77 -20.67 13.85
CA GLU A 69 2.97 -19.64 14.55
C GLU A 69 1.90 -19.08 13.62
N ARG A 70 0.68 -18.94 14.14
CA ARG A 70 -0.43 -18.27 13.46
C ARG A 70 -0.25 -16.78 13.69
N ILE A 71 -0.25 -16.00 12.60
CA ILE A 71 -0.13 -14.53 12.70
C ILE A 71 -1.55 -13.94 12.78
N GLN A 72 -1.84 -13.30 13.91
CA GLN A 72 -3.16 -12.67 14.17
C GLN A 72 -2.94 -11.17 14.18
N ASN A 73 -3.03 -10.54 13.01
CA ASN A 73 -2.80 -9.10 12.84
C ASN A 73 -4.11 -8.50 12.32
N ALA A 74 -4.92 -7.93 13.22
CA ALA A 74 -6.28 -7.47 12.90
C ALA A 74 -6.24 -6.42 11.79
N PHE A 75 -5.32 -5.46 11.88
CA PHE A 75 -5.24 -4.35 10.90
C PHE A 75 -4.88 -4.87 9.50
N LEU A 76 -3.83 -5.69 9.41
CA LEU A 76 -3.39 -6.24 8.10
C LEU A 76 -4.52 -7.10 7.54
N TRP A 77 -5.21 -7.85 8.38
CA TRP A 77 -6.29 -8.73 7.90
C TRP A 77 -7.43 -7.88 7.32
N GLN A 78 -7.82 -6.84 8.04
CA GLN A 78 -8.89 -5.90 7.61
CA GLN A 78 -8.92 -5.97 7.57
C GLN A 78 -8.56 -5.35 6.20
N SER A 79 -7.37 -4.79 6.05
CA SER A 79 -6.95 -4.15 4.79
C SER A 79 -6.92 -5.19 3.66
N TYR A 80 -6.42 -6.39 3.95
CA TYR A 80 -6.35 -7.48 2.96
C TYR A 80 -7.79 -7.88 2.55
N GLN A 81 -8.68 -8.07 3.52
CA GLN A 81 -10.07 -8.55 3.24
C GLN A 81 -10.81 -7.50 2.40
N VAL A 82 -10.56 -6.22 2.63
CA VAL A 82 -11.15 -5.15 1.78
C VAL A 82 -10.63 -5.33 0.35
N LYS A 83 -9.33 -5.50 0.16
CA LYS A 83 -8.76 -5.70 -1.21
C LYS A 83 -9.34 -6.97 -1.82
N LYS A 84 -9.54 -8.04 -1.04
CA LYS A 84 -10.10 -9.29 -1.58
C LYS A 84 -11.52 -9.02 -2.08
N ARG A 85 -12.34 -8.34 -1.29
CA ARG A 85 -13.75 -8.06 -1.67
C ARG A 85 -13.75 -7.23 -2.96
N GLN A 86 -12.85 -6.28 -3.07
CA GLN A 86 -12.75 -5.42 -4.27
C GLN A 86 -12.33 -6.26 -5.47
N MET A 87 -11.34 -7.13 -5.30
CA MET A 87 -10.84 -7.94 -6.44
C MET A 87 -11.94 -8.93 -6.88
N ASP A 88 -12.72 -9.44 -5.94
CA ASP A 88 -13.82 -10.39 -6.21
C ASP A 88 -14.88 -9.67 -7.07
N ILE A 89 -15.18 -8.41 -6.78
CA ILE A 89 -16.11 -7.56 -7.59
C ILE A 89 -15.50 -7.28 -8.98
N LYS A 90 -14.27 -6.76 -9.01
CA LYS A 90 -13.58 -6.33 -10.25
C LYS A 90 -13.49 -7.51 -11.23
N ASN A 91 -13.15 -8.71 -10.74
CA ASN A 91 -12.86 -9.86 -11.62
C ASN A 91 -14.15 -10.63 -11.92
N ASP A 92 -15.25 -10.30 -11.23
CA ASP A 92 -16.62 -10.81 -11.51
C ASP A 92 -16.63 -12.31 -11.25
N HIS A 93 -15.74 -12.75 -10.37
CA HIS A 93 -15.47 -14.16 -10.01
C HIS A 93 -14.56 -14.10 -8.79
N LYS A 94 -14.51 -15.20 -8.03
CA LYS A 94 -13.93 -15.22 -6.67
C LYS A 94 -12.90 -16.34 -6.53
N ASN A 95 -12.03 -16.55 -7.52
CA ASN A 95 -10.86 -17.43 -7.29
C ASN A 95 -9.58 -16.61 -7.35
N ASN A 96 -9.47 -15.57 -6.51
CA ASN A 96 -8.39 -14.57 -6.69
C ASN A 96 -7.23 -14.84 -5.73
N GLU A 97 -7.36 -15.80 -4.83
CA GLU A 97 -6.41 -16.02 -3.72
C GLU A 97 -5.64 -17.33 -3.94
N ARG A 98 -4.34 -17.30 -3.66
CA ARG A 98 -3.45 -18.49 -3.62
C ARG A 98 -2.72 -18.48 -2.29
N LEU A 99 -2.31 -19.64 -1.81
CA LEU A 99 -1.48 -19.78 -0.60
C LEU A 99 -0.04 -20.05 -1.08
N LEU A 100 0.86 -19.12 -0.79
CA LEU A 100 2.23 -19.13 -1.31
C LEU A 100 3.22 -18.97 -0.14
N PHE A 101 4.50 -19.08 -0.44
CA PHE A 101 5.59 -19.04 0.55
C PHE A 101 6.44 -17.81 0.31
N HIS A 102 7.06 -17.36 1.39
CA HIS A 102 8.03 -16.25 1.33
C HIS A 102 9.08 -16.45 2.42
N GLY A 103 10.34 -16.53 1.99
CA GLY A 103 11.48 -16.65 2.92
C GLY A 103 11.94 -15.26 3.31
N THR A 104 12.25 -15.09 4.58
CA THR A 104 12.60 -13.78 5.21
CA THR A 104 12.67 -13.78 5.13
C THR A 104 13.86 -13.99 6.06
N ASP A 105 14.74 -12.99 6.12
CA ASP A 105 15.83 -13.01 7.14
C ASP A 105 15.22 -12.69 8.52
N ALA A 106 15.85 -13.17 9.58
CA ALA A 106 15.37 -13.02 10.98
C ALA A 106 15.13 -11.55 11.31
N ASP A 107 15.99 -10.66 10.83
CA ASP A 107 15.95 -9.21 11.19
C ASP A 107 14.64 -8.58 10.66
N SER A 108 14.03 -9.18 9.63
CA SER A 108 12.83 -8.61 8.96
C SER A 108 11.54 -9.19 9.54
N VAL A 109 11.62 -10.27 10.33
CA VAL A 109 10.41 -11.00 10.80
C VAL A 109 9.52 -10.08 11.63
N PRO A 110 10.03 -9.31 12.61
CA PRO A 110 9.15 -8.40 13.37
C PRO A 110 8.42 -7.37 12.51
N TYR A 111 9.10 -6.79 11.51
CA TYR A 111 8.45 -5.83 10.59
C TYR A 111 7.32 -6.53 9.85
N VAL A 112 7.60 -7.71 9.26
CA VAL A 112 6.60 -8.41 8.43
C VAL A 112 5.40 -8.81 9.30
N ASN A 113 5.65 -9.33 10.49
CA ASN A 113 4.54 -9.74 11.38
C ASN A 113 3.59 -8.57 11.59
N GLN A 114 4.13 -7.38 11.80
CA GLN A 114 3.35 -6.16 12.18
CA GLN A 114 3.35 -6.17 12.17
C GLN A 114 2.84 -5.42 10.94
N HIS A 115 3.65 -5.34 9.88
CA HIS A 115 3.37 -4.43 8.72
C HIS A 115 3.17 -5.17 7.40
N GLY A 116 3.38 -6.48 7.37
CA GLY A 116 3.29 -7.26 6.13
C GLY A 116 4.45 -6.97 5.19
N PHE A 117 4.27 -7.23 3.92
CA PHE A 117 5.38 -7.23 2.94
C PHE A 117 5.43 -5.86 2.28
N ASN A 118 6.64 -5.38 2.03
CA ASN A 118 6.88 -4.00 1.54
C ASN A 118 7.85 -4.09 0.36
N ARG A 119 7.35 -3.79 -0.84
CA ARG A 119 8.18 -3.77 -2.05
C ARG A 119 9.35 -2.78 -1.93
N SER A 120 9.25 -1.77 -1.08
CA SER A 120 10.27 -0.71 -0.97
C SER A 120 11.46 -1.17 -0.13
N CYS A 121 11.39 -2.32 0.54
CA CYS A 121 12.44 -2.83 1.48
C CYS A 121 13.51 -3.66 0.74
N ASN A 125 18.32 -9.18 -3.26
CA ASN A 125 18.03 -10.32 -4.15
C ASN A 125 17.57 -9.82 -5.52
N ALA A 126 17.78 -10.61 -6.58
CA ALA A 126 17.33 -10.27 -7.96
C ALA A 126 15.80 -10.27 -8.02
N VAL A 127 15.23 -9.30 -8.74
CA VAL A 127 13.77 -9.06 -8.88
C VAL A 127 13.45 -8.96 -10.39
N SER A 128 13.82 -9.98 -11.15
CA SER A 128 13.82 -9.91 -12.62
C SER A 128 12.40 -9.90 -13.21
N TYR A 129 11.33 -10.09 -12.45
CA TYR A 129 9.93 -10.07 -12.97
C TYR A 129 9.18 -8.78 -12.55
N GLY A 130 9.87 -7.85 -11.90
CA GLY A 130 9.27 -6.56 -11.50
C GLY A 130 9.60 -6.18 -10.06
N LYS A 131 9.47 -4.90 -9.75
CA LYS A 131 9.81 -4.33 -8.43
C LYS A 131 8.60 -4.47 -7.51
N GLY A 132 8.32 -5.69 -7.12
CA GLY A 132 7.22 -6.02 -6.22
C GLY A 132 7.68 -6.97 -5.14
N THR A 133 6.73 -7.58 -4.44
CA THR A 133 7.00 -8.60 -3.40
CA THR A 133 7.06 -8.60 -3.42
C THR A 133 6.83 -9.97 -4.07
N TYR A 134 7.77 -10.87 -3.83
CA TYR A 134 7.85 -12.20 -4.47
C TYR A 134 7.30 -13.27 -3.52
N PHE A 135 6.54 -14.19 -4.09
CA PHE A 135 5.97 -15.34 -3.37
C PHE A 135 6.16 -16.58 -4.22
N ALA A 136 6.55 -17.69 -3.60
CA ALA A 136 6.87 -18.95 -4.29
C ALA A 136 5.71 -19.92 -4.16
N VAL A 137 5.46 -20.68 -5.21
CA VAL A 137 4.49 -21.81 -5.16
C VAL A 137 5.05 -22.92 -4.24
N ASP A 138 6.35 -23.21 -4.34
CA ASP A 138 6.99 -24.30 -3.58
C ASP A 138 7.79 -23.77 -2.40
N ALA A 139 7.61 -24.36 -1.21
CA ALA A 139 8.41 -24.00 -0.02
C ALA A 139 9.90 -24.15 -0.36
N SER A 140 10.29 -25.16 -1.15
CA SER A 140 11.70 -25.43 -1.52
C SER A 140 12.35 -24.16 -2.10
N TYR A 141 11.59 -23.34 -2.83
CA TYR A 141 12.17 -22.12 -3.47
C TYR A 141 12.49 -21.09 -2.37
N SER A 142 11.54 -20.87 -1.47
CA SER A 142 11.67 -19.92 -0.34
C SER A 142 12.69 -20.43 0.68
N ALA A 143 12.99 -21.72 0.69
CA ALA A 143 13.92 -22.37 1.64
C ALA A 143 15.37 -22.06 1.28
N LYS A 144 15.62 -21.50 0.09
CA LYS A 144 16.99 -21.09 -0.29
C LYS A 144 17.52 -20.09 0.75
N ASP A 145 18.80 -20.20 1.10
CA ASP A 145 19.42 -19.35 2.13
C ASP A 145 19.40 -17.88 1.67
N THR A 146 19.35 -17.59 0.37
CA THR A 146 19.30 -16.20 -0.12
C THR A 146 17.99 -15.54 0.32
N TYR A 147 16.93 -16.30 0.61
CA TYR A 147 15.62 -15.76 1.04
C TYR A 147 15.45 -15.97 2.55
N SER A 148 15.36 -17.22 2.98
CA SER A 148 15.22 -17.60 4.42
C SER A 148 16.62 -17.72 5.04
N LYS A 149 17.32 -16.58 5.14
CA LYS A 149 18.73 -16.52 5.60
C LYS A 149 18.84 -17.17 6.99
N PRO A 150 19.69 -18.20 7.18
CA PRO A 150 19.88 -18.78 8.52
C PRO A 150 20.40 -17.72 9.49
N ASP A 151 19.86 -17.65 10.72
CA ASP A 151 20.36 -16.75 11.79
C ASP A 151 21.59 -17.41 12.42
N SER A 152 22.19 -16.79 13.44
CA SER A 152 23.37 -17.31 14.20
C SER A 152 23.21 -18.78 14.55
N ASN A 153 21.99 -19.20 14.91
CA ASN A 153 21.69 -20.56 15.45
C ASN A 153 21.25 -21.50 14.33
N GLY A 154 21.30 -21.08 13.07
CA GLY A 154 20.90 -21.91 11.90
C GLY A 154 19.40 -21.91 11.68
N ARG A 155 18.65 -21.11 12.44
CA ARG A 155 17.19 -21.04 12.28
C ARG A 155 16.84 -20.24 11.03
N LYS A 156 15.96 -20.81 10.22
CA LYS A 156 15.43 -20.21 8.96
C LYS A 156 13.95 -19.89 9.15
N HIS A 157 13.44 -18.87 8.45
CA HIS A 157 12.08 -18.35 8.65
C HIS A 157 11.37 -18.23 7.31
N MET A 158 10.19 -18.81 7.23
CA MET A 158 9.38 -18.77 6.00
C MET A 158 7.94 -18.48 6.39
N TYR A 159 7.30 -17.59 5.64
CA TYR A 159 5.85 -17.33 5.82
C TYR A 159 5.06 -18.18 4.84
N VAL A 160 3.88 -18.59 5.30
CA VAL A 160 2.77 -19.06 4.46
C VAL A 160 1.80 -17.88 4.33
N VAL A 161 1.52 -17.48 3.09
CA VAL A 161 0.94 -16.15 2.77
C VAL A 161 -0.32 -16.34 1.92
N ARG A 162 -1.39 -15.69 2.32
CA ARG A 162 -2.58 -15.54 1.45
C ARG A 162 -2.25 -14.42 0.47
N VAL A 163 -2.23 -14.70 -0.81
CA VAL A 163 -1.87 -13.70 -1.85
C VAL A 163 -3.00 -13.53 -2.86
N LEU A 164 -3.38 -12.27 -3.10
CA LEU A 164 -4.39 -11.96 -4.12
C LEU A 164 -3.74 -11.89 -5.51
N THR A 165 -3.46 -13.05 -6.07
CA THR A 165 -2.82 -13.18 -7.41
C THR A 165 -3.79 -12.77 -8.53
N GLY A 166 -5.10 -12.95 -8.32
CA GLY A 166 -6.13 -12.58 -9.29
C GLY A 166 -5.81 -13.04 -10.69
N VAL A 167 -6.00 -12.15 -11.66
CA VAL A 167 -5.70 -12.41 -13.09
C VAL A 167 -4.26 -11.99 -13.30
N PHE A 168 -3.43 -12.90 -13.79
CA PHE A 168 -1.97 -12.65 -13.89
C PHE A 168 -1.48 -12.80 -15.33
N THR A 169 -0.30 -12.23 -15.57
CA THR A 169 0.42 -12.24 -16.85
C THR A 169 1.90 -12.45 -16.57
N LYS A 170 2.68 -12.69 -17.61
CA LYS A 170 4.14 -12.84 -17.47
C LYS A 170 4.75 -11.49 -17.08
N GLY A 171 5.64 -11.49 -16.11
CA GLY A 171 6.37 -10.28 -15.71
C GLY A 171 7.62 -10.07 -16.55
N ARG A 172 8.31 -8.99 -16.26
CA ARG A 172 9.60 -8.61 -16.91
CA ARG A 172 9.61 -8.65 -16.88
C ARG A 172 10.32 -7.63 -15.99
N ALA A 173 11.61 -7.47 -16.21
CA ALA A 173 12.44 -6.62 -15.34
C ALA A 173 11.94 -5.18 -15.43
N GLY A 174 11.89 -4.53 -14.27
CA GLY A 174 11.71 -3.07 -14.19
C GLY A 174 10.26 -2.67 -14.06
N LEU A 175 9.30 -3.59 -14.12
CA LEU A 175 7.87 -3.23 -13.87
C LEU A 175 7.73 -2.62 -12.48
N VAL A 176 6.94 -1.55 -12.35
CA VAL A 176 6.56 -0.99 -11.02
C VAL A 176 5.09 -1.30 -10.69
N THR A 177 4.29 -1.67 -11.68
CA THR A 177 2.90 -2.21 -11.50
C THR A 177 2.71 -3.31 -12.52
N PRO A 178 1.69 -4.18 -12.38
CA PRO A 178 1.42 -5.14 -13.44
C PRO A 178 1.04 -4.38 -14.70
N PRO A 179 1.25 -5.01 -15.88
CA PRO A 179 0.82 -4.44 -17.15
C PRO A 179 -0.68 -4.24 -17.23
N PRO A 180 -1.17 -3.40 -18.16
CA PRO A 180 -2.60 -3.34 -18.45
C PRO A 180 -3.08 -4.65 -19.11
N LYS A 181 -4.34 -5.04 -18.86
CA LYS A 181 -5.00 -6.21 -19.47
C LYS A 181 -5.25 -5.94 -20.95
N ASN A 182 -5.42 -4.66 -21.30
CA ASN A 182 -5.60 -4.18 -22.70
C ASN A 182 -5.04 -2.76 -22.77
N PRO A 183 -4.01 -2.51 -23.61
CA PRO A 183 -3.39 -1.18 -23.69
C PRO A 183 -4.31 -0.10 -24.29
N HIS A 184 -5.48 -0.47 -24.82
CA HIS A 184 -6.60 0.49 -25.11
C HIS A 184 -7.06 1.15 -23.80
N ASN A 185 -6.99 0.42 -22.67
CA ASN A 185 -7.39 0.90 -21.31
C ASN A 185 -6.19 0.77 -20.37
N PRO A 186 -5.25 1.74 -20.38
CA PRO A 186 -3.96 1.57 -19.72
C PRO A 186 -4.05 1.47 -18.20
N THR A 187 -5.20 1.81 -17.59
CA THR A 187 -5.32 1.83 -16.10
C THR A 187 -6.01 0.56 -15.57
N ASP A 188 -6.52 -0.32 -16.44
CA ASP A 188 -7.19 -1.57 -16.01
C ASP A 188 -6.13 -2.68 -15.98
N LEU A 189 -5.54 -2.96 -14.83
CA LEU A 189 -4.28 -3.74 -14.73
C LEU A 189 -4.54 -5.21 -14.39
N PHE A 190 -3.63 -6.07 -14.82
CA PHE A 190 -3.48 -7.40 -14.19
C PHE A 190 -3.30 -7.21 -12.68
N ASP A 191 -3.65 -8.24 -11.90
CA ASP A 191 -3.53 -8.21 -10.42
C ASP A 191 -2.11 -8.57 -9.99
N SER A 192 -1.42 -9.39 -10.77
CA SER A 192 -0.08 -9.88 -10.40
C SER A 192 0.67 -10.30 -11.66
N VAL A 193 1.97 -10.53 -11.52
CA VAL A 193 2.73 -11.15 -12.63
C VAL A 193 3.41 -12.42 -12.13
N THR A 194 3.83 -13.22 -13.09
CA THR A 194 4.44 -14.53 -12.82
C THR A 194 5.65 -14.73 -13.74
N ASN A 195 6.42 -15.78 -13.47
CA ASN A 195 7.54 -16.18 -14.35
C ASN A 195 6.98 -16.92 -15.56
N ASN A 196 5.87 -17.63 -15.39
CA ASN A 196 5.36 -18.60 -16.40
C ASN A 196 3.84 -18.74 -16.21
N THR A 197 3.05 -18.28 -17.18
CA THR A 197 1.57 -18.24 -16.99
C THR A 197 0.97 -19.64 -17.02
N ARG A 198 1.55 -20.57 -17.78
CA ARG A 198 0.97 -21.93 -17.93
C ARG A 198 1.31 -22.76 -16.69
N SER A 199 2.50 -22.58 -16.11
CA SER A 199 2.97 -23.39 -14.96
C SER A 199 3.73 -22.47 -14.00
N PRO A 200 3.03 -21.60 -13.26
CA PRO A 200 3.71 -20.60 -12.46
C PRO A 200 4.46 -21.18 -11.25
N LYS A 201 5.64 -20.63 -10.96
CA LYS A 201 6.36 -21.01 -9.73
C LYS A 201 6.57 -19.81 -8.82
N LEU A 202 6.41 -18.60 -9.36
CA LEU A 202 6.47 -17.40 -8.49
CA LEU A 202 6.63 -17.31 -8.65
C LEU A 202 5.47 -16.38 -8.98
N PHE A 203 5.02 -15.58 -8.02
CA PHE A 203 4.08 -14.48 -8.24
C PHE A 203 4.67 -13.24 -7.62
N VAL A 204 4.40 -12.12 -8.26
CA VAL A 204 4.81 -10.79 -7.79
C VAL A 204 3.56 -9.92 -7.70
N VAL A 205 3.40 -9.27 -6.55
CA VAL A 205 2.36 -8.23 -6.33
C VAL A 205 3.03 -6.90 -6.02
N PHE A 206 2.36 -5.83 -6.41
CA PHE A 206 3.00 -4.51 -6.46
C PHE A 206 2.33 -3.53 -5.52
N PHE A 207 1.39 -3.99 -4.69
CA PHE A 207 0.61 -3.12 -3.81
C PHE A 207 0.56 -3.71 -2.40
N ASP A 208 0.49 -2.79 -1.44
CA ASP A 208 0.41 -3.14 -0.01
C ASP A 208 -0.91 -3.87 0.16
N ASN A 209 -0.99 -4.79 1.07
CA ASN A 209 -2.36 -5.30 1.40
C ASN A 209 -2.93 -6.18 0.25
N GLN A 210 -2.10 -6.68 -0.65
CA GLN A 210 -2.43 -7.84 -1.55
C GLN A 210 -1.90 -9.15 -0.97
N ALA A 211 -1.27 -9.13 0.20
CA ALA A 211 -0.64 -10.32 0.79
C ALA A 211 -0.81 -10.28 2.29
N TYR A 212 -1.38 -11.33 2.86
CA TYR A 212 -1.54 -11.47 4.32
C TYR A 212 -0.64 -12.59 4.83
N PRO A 213 0.40 -12.30 5.66
CA PRO A 213 1.25 -13.34 6.24
C PRO A 213 0.42 -14.10 7.29
N GLU A 214 0.08 -15.36 7.03
CA GLU A 214 -0.88 -16.13 7.85
C GLU A 214 -0.15 -17.00 8.87
N TYR A 215 0.96 -17.62 8.47
CA TYR A 215 1.75 -18.49 9.38
C TYR A 215 3.23 -18.17 9.20
N LEU A 216 3.98 -18.32 10.28
CA LEU A 216 5.46 -18.24 10.25
C LEU A 216 6.01 -19.61 10.65
N ILE A 217 6.78 -20.21 9.75
CA ILE A 217 7.49 -21.49 10.04
C ILE A 217 8.92 -21.18 10.43
N THR A 218 9.35 -21.67 11.58
CA THR A 218 10.76 -21.62 12.02
C THR A 218 11.32 -23.03 11.82
N PHE A 219 12.39 -23.17 11.05
CA PHE A 219 12.89 -24.50 10.64
C PHE A 219 14.40 -24.51 10.46
N THR A 220 14.98 -25.71 10.36
CA THR A 220 16.44 -25.90 10.19
C THR A 220 16.70 -26.91 9.08
N ALA A 221 17.85 -26.79 8.41
CA ALA A 221 18.27 -27.69 7.32
C ALA A 221 18.73 -29.06 7.84
N ASN B 24 -21.83 3.11 2.77
CA ASN B 24 -20.40 3.41 3.09
C ASN B 24 -19.91 4.64 2.31
N LEU B 25 -20.36 4.85 1.07
CA LEU B 25 -19.89 6.02 0.28
C LEU B 25 -20.57 7.27 0.84
N PRO B 26 -19.90 8.45 0.83
CA PRO B 26 -20.48 9.66 1.40
C PRO B 26 -21.80 10.02 0.71
N GLU B 27 -22.80 10.48 1.49
CA GLU B 27 -24.16 10.73 0.95
C GLU B 27 -24.19 11.94 0.00
N HIS B 28 -23.19 12.83 0.01
CA HIS B 28 -23.14 14.05 -0.84
C HIS B 28 -22.67 13.66 -2.25
N TRP B 29 -22.13 12.46 -2.43
CA TRP B 29 -21.63 12.02 -3.75
C TRP B 29 -22.80 11.89 -4.72
N THR B 30 -22.57 12.16 -6.00
CA THR B 30 -23.54 11.79 -7.06
C THR B 30 -23.73 10.27 -7.06
N ASP B 31 -24.96 9.84 -7.32
CA ASP B 31 -25.32 8.44 -7.62
C ASP B 31 -24.48 8.05 -8.82
N MET B 32 -23.73 6.97 -8.68
CA MET B 32 -22.90 6.43 -9.77
C MET B 32 -23.53 5.17 -10.35
N ASN B 33 -24.78 4.86 -9.99
CA ASN B 33 -25.64 3.78 -10.56
C ASN B 33 -24.80 2.52 -10.78
N HIS B 34 -24.21 1.99 -9.70
CA HIS B 34 -23.46 0.71 -9.64
C HIS B 34 -22.02 0.88 -10.17
N GLN B 35 -21.68 2.01 -10.81
CA GLN B 35 -20.28 2.31 -11.24
C GLN B 35 -19.40 2.61 -10.01
N LEU B 36 -18.09 2.40 -10.14
CA LEU B 36 -17.13 2.43 -9.01
C LEU B 36 -16.33 3.73 -9.06
N PHE B 37 -16.52 4.53 -10.11
CA PHE B 37 -15.65 5.70 -10.39
C PHE B 37 -16.39 6.76 -11.19
N CYS B 38 -16.25 8.00 -10.77
CA CYS B 38 -16.83 9.17 -11.48
C CYS B 38 -16.00 10.41 -11.09
N MET B 39 -15.74 11.27 -12.08
CA MET B 39 -15.26 12.65 -11.84
C MET B 39 -16.47 13.59 -11.98
N VAL B 40 -16.71 14.42 -10.97
CA VAL B 40 -17.90 15.31 -10.92
C VAL B 40 -17.43 16.77 -10.98
N GLN B 41 -17.83 17.47 -12.04
CA GLN B 41 -17.47 18.89 -12.20
C GLN B 41 -18.26 19.73 -11.18
N LEU B 42 -17.56 20.52 -10.38
CA LEU B 42 -18.22 21.41 -9.39
C LEU B 42 -18.61 22.74 -10.02
N GLU B 43 -19.61 23.38 -9.41
CA GLU B 43 -20.16 24.68 -9.88
C GLU B 43 -19.59 25.78 -9.01
N PRO B 44 -18.99 26.84 -9.61
CA PRO B 44 -18.66 28.05 -8.86
C PRO B 44 -19.91 28.57 -8.13
N GLY B 45 -19.72 29.12 -6.95
CA GLY B 45 -20.84 29.64 -6.14
C GLY B 45 -21.29 28.61 -5.11
N GLN B 46 -21.08 27.33 -5.38
CA GLN B 46 -21.26 26.28 -4.34
C GLN B 46 -20.14 26.41 -3.30
N SER B 47 -20.48 26.22 -2.03
CA SER B 47 -19.50 26.25 -0.92
C SER B 47 -18.35 25.28 -1.25
N GLU B 48 -18.66 24.12 -1.82
CA GLU B 48 -17.66 23.06 -2.03
C GLU B 48 -16.58 23.55 -3.01
N TYR B 49 -16.98 24.17 -4.12
CA TYR B 49 -16.05 24.77 -5.09
C TYR B 49 -15.31 25.94 -4.44
N ASN B 50 -16.05 26.82 -3.79
CA ASN B 50 -15.49 28.09 -3.26
C ASN B 50 -14.43 27.77 -2.20
N THR B 51 -14.63 26.77 -1.33
CA THR B 51 -13.65 26.45 -0.26
CA THR B 51 -13.64 26.48 -0.26
C THR B 51 -12.33 26.01 -0.91
N ILE B 52 -12.41 25.18 -1.94
CA ILE B 52 -11.17 24.70 -2.63
C ILE B 52 -10.53 25.86 -3.38
N LYS B 53 -11.32 26.67 -4.06
CA LYS B 53 -10.75 27.83 -4.76
C LYS B 53 -10.04 28.74 -3.75
N ASP B 54 -10.65 28.98 -2.59
CA ASP B 54 -10.04 29.88 -1.58
C ASP B 54 -8.73 29.28 -1.08
N LYS B 55 -8.71 27.97 -0.85
CA LYS B 55 -7.53 27.27 -0.28
C LYS B 55 -6.37 27.38 -1.28
N PHE B 56 -6.68 27.25 -2.56
CA PHE B 56 -5.73 27.36 -3.68
C PHE B 56 -5.25 28.81 -3.79
N THR B 57 -6.19 29.77 -3.85
CA THR B 57 -5.86 31.20 -4.15
C THR B 57 -5.11 31.82 -2.99
N ARG B 58 -5.18 31.24 -1.78
CA ARG B 58 -4.45 31.78 -0.60
C ARG B 58 -2.96 31.93 -0.97
N THR B 59 -2.40 30.99 -1.73
CA THR B 59 -0.97 31.04 -2.15
C THR B 59 -0.77 31.07 -3.68
N CYS B 60 -1.81 30.82 -4.52
CA CYS B 60 -1.71 30.79 -6.01
C CYS B 60 -2.60 31.86 -6.68
N SER B 61 -2.64 33.07 -6.15
CA SER B 61 -3.55 34.12 -6.66
C SER B 61 -3.19 34.54 -8.09
N SER B 62 -1.97 34.27 -8.59
CA SER B 62 -1.51 34.65 -9.96
C SER B 62 -2.00 33.66 -11.03
N TYR B 63 -2.49 32.49 -10.66
CA TYR B 63 -3.04 31.46 -11.58
C TYR B 63 -4.55 31.60 -11.60
N ALA B 64 -5.20 31.01 -12.60
CA ALA B 64 -6.67 31.00 -12.75
C ALA B 64 -7.14 29.56 -12.91
N ILE B 65 -8.18 29.21 -12.16
CA ILE B 65 -8.78 27.86 -12.17
C ILE B 65 -9.67 27.73 -13.40
N GLU B 66 -9.44 26.68 -14.17
CA GLU B 66 -10.34 26.29 -15.28
C GLU B 66 -11.55 25.56 -14.70
N LYS B 67 -11.30 24.53 -13.90
CA LYS B 67 -12.38 23.73 -13.30
C LYS B 67 -11.86 22.97 -12.08
N ILE B 68 -12.79 22.50 -11.27
CA ILE B 68 -12.52 21.67 -10.08
C ILE B 68 -13.45 20.46 -10.15
N GLU B 69 -12.86 19.27 -10.13
CA GLU B 69 -13.61 18.01 -10.20
C GLU B 69 -13.50 17.28 -8.87
N ARG B 70 -14.65 16.83 -8.35
CA ARG B 70 -14.70 15.91 -7.21
C ARG B 70 -14.40 14.49 -7.73
N ILE B 71 -13.41 13.84 -7.12
CA ILE B 71 -13.03 12.44 -7.47
C ILE B 71 -13.85 11.49 -6.60
N GLN B 72 -14.68 10.69 -7.24
CA GLN B 72 -15.50 9.66 -6.56
C GLN B 72 -14.95 8.29 -6.96
N ASN B 73 -14.06 7.75 -6.15
CA ASN B 73 -13.39 6.46 -6.43
C ASN B 73 -13.74 5.54 -5.26
N ALA B 74 -14.72 4.66 -5.46
CA ALA B 74 -15.28 3.86 -4.34
C ALA B 74 -14.17 3.02 -3.68
N PHE B 75 -13.36 2.35 -4.48
CA PHE B 75 -12.36 1.40 -3.94
C PHE B 75 -11.27 2.18 -3.20
N LEU B 76 -10.73 3.25 -3.79
CA LEU B 76 -9.70 4.03 -3.06
C LEU B 76 -10.31 4.56 -1.76
N TRP B 77 -11.56 5.03 -1.80
CA TRP B 77 -12.19 5.61 -0.60
C TRP B 77 -12.28 4.53 0.48
N GLN B 78 -12.77 3.34 0.11
CA GLN B 78 -12.93 2.24 1.09
C GLN B 78 -11.57 1.94 1.76
N SER B 79 -10.52 1.78 0.97
CA SER B 79 -9.21 1.37 1.52
C SER B 79 -8.65 2.50 2.39
N TYR B 80 -8.78 3.73 1.94
CA TYR B 80 -8.34 4.92 2.71
C TYR B 80 -9.09 4.99 4.03
N GLN B 81 -10.42 4.83 4.01
CA GLN B 81 -11.23 4.98 5.24
C GLN B 81 -10.86 3.86 6.22
N VAL B 82 -10.51 2.68 5.73
CA VAL B 82 -10.05 1.58 6.63
C VAL B 82 -8.74 2.02 7.32
N LYS B 83 -7.81 2.59 6.57
CA LYS B 83 -6.52 3.04 7.14
CA LYS B 83 -6.53 3.01 7.17
C LYS B 83 -6.78 4.18 8.14
N LYS B 84 -7.73 5.06 7.82
CA LYS B 84 -7.99 6.19 8.73
C LYS B 84 -8.56 5.65 10.06
N ARG B 85 -9.49 4.72 9.97
CA ARG B 85 -10.10 4.16 11.20
C ARG B 85 -9.01 3.50 12.04
N GLN B 86 -8.09 2.78 11.38
CA GLN B 86 -6.98 2.13 12.11
C GLN B 86 -6.08 3.17 12.77
N MET B 87 -5.75 4.23 12.06
CA MET B 87 -4.85 5.27 12.64
C MET B 87 -5.59 5.99 13.78
N ASP B 88 -6.89 6.23 13.61
CA ASP B 88 -7.71 6.88 14.67
C ASP B 88 -7.71 5.99 15.94
N ILE B 89 -7.76 4.66 15.80
CA ILE B 89 -7.74 3.71 16.94
C ILE B 89 -6.36 3.75 17.58
N LYS B 90 -5.32 3.67 16.76
CA LYS B 90 -3.92 3.50 17.22
C LYS B 90 -3.47 4.76 17.94
N ASN B 91 -3.81 5.94 17.40
CA ASN B 91 -3.29 7.22 17.90
C ASN B 91 -4.24 7.74 18.99
N ASP B 92 -3.76 8.63 19.84
CA ASP B 92 -4.53 9.04 21.04
C ASP B 92 -5.29 10.34 20.73
N HIS B 93 -6.52 10.24 20.21
CA HIS B 93 -7.42 11.40 19.92
C HIS B 93 -6.68 12.46 19.09
N LYS B 94 -5.86 12.00 18.14
CA LYS B 94 -5.04 12.89 17.27
CA LYS B 94 -5.05 12.90 17.28
C LYS B 94 -5.88 13.27 16.04
N ASN B 95 -5.71 14.49 15.53
CA ASN B 95 -6.26 14.77 14.19
C ASN B 95 -5.27 14.20 13.19
N ASN B 96 -5.61 13.03 12.64
CA ASN B 96 -4.66 12.27 11.82
C ASN B 96 -4.66 12.71 10.36
N GLU B 97 -5.65 13.50 9.94
CA GLU B 97 -5.87 13.81 8.51
C GLU B 97 -5.66 15.31 8.26
N ARG B 98 -4.90 15.62 7.21
CA ARG B 98 -4.71 16.97 6.69
C ARG B 98 -5.18 17.01 5.24
N LEU B 99 -5.62 18.17 4.79
CA LEU B 99 -5.98 18.38 3.38
C LEU B 99 -4.83 19.12 2.70
N LEU B 100 -4.14 18.42 1.82
CA LEU B 100 -2.86 18.85 1.23
C LEU B 100 -2.97 18.87 -0.29
N PHE B 101 -1.93 19.37 -0.94
CA PHE B 101 -1.89 19.53 -2.40
C PHE B 101 -0.85 18.60 -3.01
N HIS B 102 -1.08 18.22 -4.25
CA HIS B 102 -0.10 17.41 -5.00
C HIS B 102 -0.19 17.76 -6.48
N GLY B 103 0.85 18.38 -6.99
CA GLY B 103 0.98 18.68 -8.43
C GLY B 103 1.37 17.44 -9.20
N THR B 104 0.79 17.28 -10.38
CA THR B 104 0.97 16.07 -11.22
CA THR B 104 1.01 16.08 -11.22
C THR B 104 1.13 16.51 -12.68
N ASP B 105 1.80 15.70 -13.48
CA ASP B 105 1.79 15.86 -14.95
C ASP B 105 0.50 15.23 -15.51
N ALA B 106 0.09 15.70 -16.69
CA ALA B 106 -1.16 15.24 -17.33
C ALA B 106 -1.11 13.71 -17.54
N ASP B 107 0.05 13.17 -17.92
CA ASP B 107 0.21 11.72 -18.24
C ASP B 107 -0.15 10.85 -17.01
N SER B 108 0.04 11.37 -15.79
CA SER B 108 -0.20 10.63 -14.52
C SER B 108 -1.67 10.71 -14.07
N VAL B 109 -2.45 11.69 -14.55
CA VAL B 109 -3.80 11.96 -14.02
C VAL B 109 -4.69 10.71 -14.12
N PRO B 110 -4.79 10.01 -15.28
CA PRO B 110 -5.66 8.84 -15.35
C PRO B 110 -5.29 7.78 -14.28
N TYR B 111 -3.99 7.52 -14.09
CA TYR B 111 -3.53 6.50 -13.10
C TYR B 111 -3.92 6.95 -11.69
N VAL B 112 -3.62 8.21 -11.32
CA VAL B 112 -3.92 8.70 -9.95
C VAL B 112 -5.43 8.65 -9.69
N ASN B 113 -6.22 9.09 -10.65
CA ASN B 113 -7.70 9.10 -10.48
C ASN B 113 -8.18 7.68 -10.12
N GLN B 114 -7.62 6.66 -10.76
CA GLN B 114 -8.10 5.25 -10.65
C GLN B 114 -7.41 4.56 -9.47
N HIS B 115 -6.13 4.87 -9.22
CA HIS B 115 -5.26 4.00 -8.37
C HIS B 115 -4.55 4.77 -7.28
N GLY B 116 -4.72 6.08 -7.23
CA GLY B 116 -4.11 6.88 -6.17
C GLY B 116 -2.61 7.06 -6.37
N PHE B 117 -1.91 7.32 -5.26
CA PHE B 117 -0.51 7.78 -5.25
C PHE B 117 0.39 6.60 -4.95
N ASN B 118 1.27 6.29 -5.90
CA ASN B 118 2.19 5.15 -5.82
C ASN B 118 3.60 5.67 -5.56
N ARG B 119 4.15 5.38 -4.38
CA ARG B 119 5.52 5.84 -4.03
C ARG B 119 6.52 5.32 -5.05
N SER B 120 6.24 4.19 -5.69
CA SER B 120 7.22 3.55 -6.61
C SER B 120 7.36 4.38 -7.89
N CYS B 121 6.45 5.34 -8.12
CA CYS B 121 6.41 6.20 -9.33
C CYS B 121 6.88 7.63 -9.01
N ALA B 122 7.17 7.93 -7.73
CA ALA B 122 7.44 9.31 -7.22
C ALA B 122 8.80 9.82 -7.73
N GLY B 123 8.88 11.10 -8.12
CA GLY B 123 10.16 11.75 -8.45
C GLY B 123 10.96 11.99 -7.18
N LYS B 124 12.29 12.15 -7.29
CA LYS B 124 13.13 12.63 -6.16
C LYS B 124 12.79 14.13 -6.00
N ASN B 125 12.55 14.56 -4.77
CA ASN B 125 12.17 15.97 -4.49
C ASN B 125 13.47 16.78 -4.45
N ALA B 126 13.43 18.07 -4.80
CA ALA B 126 14.63 18.96 -4.76
C ALA B 126 15.21 18.99 -3.34
N VAL B 127 14.34 18.91 -2.33
CA VAL B 127 14.80 18.68 -0.94
C VAL B 127 14.13 17.39 -0.45
N SER B 128 14.92 16.32 -0.38
CA SER B 128 14.39 14.99 -0.06
C SER B 128 14.41 14.75 1.44
N TYR B 129 13.24 14.38 1.97
CA TYR B 129 13.03 13.92 3.36
C TYR B 129 12.60 12.46 3.37
N GLY B 130 12.81 11.77 2.28
CA GLY B 130 12.56 10.32 2.16
C GLY B 130 11.99 9.96 0.82
N LYS B 131 12.03 8.67 0.52
CA LYS B 131 11.54 8.08 -0.76
C LYS B 131 10.06 7.72 -0.57
N GLY B 132 9.18 8.68 -0.77
CA GLY B 132 7.74 8.47 -0.67
C GLY B 132 7.00 9.44 -1.55
N THR B 133 5.70 9.53 -1.35
CA THR B 133 4.83 10.49 -2.07
C THR B 133 4.78 11.78 -1.24
N TYR B 134 5.03 12.90 -1.90
CA TYR B 134 5.11 14.23 -1.28
C TYR B 134 3.78 14.96 -1.43
N PHE B 135 3.39 15.66 -0.37
CA PHE B 135 2.17 16.50 -0.35
C PHE B 135 2.53 17.85 0.27
N ALA B 136 2.00 18.93 -0.30
CA ALA B 136 2.34 20.31 0.13
C ALA B 136 1.21 20.89 0.96
N VAL B 137 1.58 21.67 1.97
CA VAL B 137 0.60 22.50 2.72
C VAL B 137 0.09 23.62 1.80
N ASP B 138 0.99 24.25 1.03
CA ASP B 138 0.67 25.43 0.19
C ASP B 138 0.51 25.02 -1.28
N ALA B 139 -0.58 25.44 -1.90
CA ALA B 139 -0.80 25.20 -3.33
C ALA B 139 0.36 25.80 -4.14
N SER B 140 0.96 26.91 -3.70
CA SER B 140 2.08 27.57 -4.43
C SER B 140 3.21 26.56 -4.69
N TYR B 141 3.45 25.65 -3.76
CA TYR B 141 4.57 24.68 -3.90
C TYR B 141 4.23 23.71 -5.02
N SER B 142 3.04 23.12 -4.94
CA SER B 142 2.53 22.16 -5.94
C SER B 142 2.36 22.86 -7.29
N ALA B 143 2.21 24.19 -7.32
CA ALA B 143 1.97 24.94 -8.58
C ALA B 143 3.26 25.09 -9.41
N LYS B 144 4.41 24.82 -8.82
CA LYS B 144 5.70 24.88 -9.54
C LYS B 144 5.63 23.98 -10.78
N ASP B 145 6.18 24.43 -11.90
CA ASP B 145 6.16 23.64 -13.16
C ASP B 145 6.83 22.29 -12.95
N THR B 146 7.78 22.17 -12.01
CA THR B 146 8.46 20.90 -11.71
C THR B 146 7.46 19.82 -11.29
N TYR B 147 6.36 20.19 -10.64
CA TYR B 147 5.34 19.22 -10.14
C TYR B 147 4.10 19.19 -11.04
N SER B 148 3.47 20.34 -11.21
CA SER B 148 2.26 20.48 -12.06
C SER B 148 2.71 20.90 -13.46
N LYS B 149 3.39 20.01 -14.17
CA LYS B 149 3.98 20.29 -15.51
C LYS B 149 2.87 20.77 -16.43
N PRO B 150 3.01 21.95 -17.07
CA PRO B 150 2.03 22.35 -18.07
C PRO B 150 1.92 21.31 -19.19
N ASP B 151 0.71 20.96 -19.60
CA ASP B 151 0.52 20.03 -20.73
C ASP B 151 0.65 20.83 -22.03
N SER B 152 0.41 20.18 -23.17
CA SER B 152 0.60 20.79 -24.51
C SER B 152 -0.40 21.93 -24.72
N ASN B 153 -1.45 22.05 -23.88
CA ASN B 153 -2.47 23.14 -23.97
C ASN B 153 -2.26 24.18 -22.87
N GLY B 154 -1.17 24.08 -22.12
CA GLY B 154 -0.85 25.05 -21.05
C GLY B 154 -1.66 24.82 -19.79
N ARG B 155 -2.33 23.68 -19.68
CA ARG B 155 -3.08 23.35 -18.44
C ARG B 155 -2.16 22.67 -17.42
N LYS B 156 -2.27 23.13 -16.19
CA LYS B 156 -1.57 22.54 -15.03
C LYS B 156 -2.60 21.77 -14.18
N HIS B 157 -2.14 20.77 -13.44
CA HIS B 157 -3.04 19.84 -12.72
C HIS B 157 -2.52 19.68 -11.30
N MET B 158 -3.42 19.88 -10.35
CA MET B 158 -3.12 19.75 -8.91
C MET B 158 -4.26 19.02 -8.22
N TYR B 159 -3.93 18.00 -7.45
CA TYR B 159 -4.90 17.29 -6.59
C TYR B 159 -4.95 18.00 -5.25
N VAL B 160 -6.13 17.93 -4.67
CA VAL B 160 -6.40 18.24 -3.25
C VAL B 160 -6.66 16.89 -2.61
N VAL B 161 -5.93 16.59 -1.54
CA VAL B 161 -5.75 15.19 -1.10
C VAL B 161 -5.96 15.08 0.40
N ARG B 162 -6.81 14.14 0.83
CA ARG B 162 -6.90 13.82 2.26
C ARG B 162 -5.70 12.93 2.57
N VAL B 163 -4.82 13.36 3.47
CA VAL B 163 -3.56 12.63 3.77
C VAL B 163 -3.56 12.26 5.26
N LEU B 164 -3.29 10.99 5.55
CA LEU B 164 -3.15 10.53 6.94
C LEU B 164 -1.72 10.82 7.43
N THR B 165 -1.50 12.07 7.86
CA THR B 165 -0.20 12.53 8.40
C THR B 165 0.02 11.93 9.78
N GLY B 166 -1.05 11.69 10.54
CA GLY B 166 -0.89 11.10 11.87
C GLY B 166 0.14 11.81 12.74
N VAL B 167 0.96 11.00 13.43
CA VAL B 167 2.09 11.50 14.25
C VAL B 167 3.33 11.50 13.36
N PHE B 168 4.01 12.63 13.28
CA PHE B 168 5.08 12.82 12.30
C PHE B 168 6.32 13.38 12.99
N THR B 169 7.41 13.23 12.28
CA THR B 169 8.75 13.72 12.66
C THR B 169 9.45 14.26 11.42
N LYS B 170 10.57 14.94 11.63
CA LYS B 170 11.37 15.44 10.49
C LYS B 170 11.95 14.22 9.77
N GLY B 171 11.76 14.16 8.47
CA GLY B 171 12.28 13.06 7.66
C GLY B 171 13.75 13.23 7.33
N ARG B 172 14.25 12.28 6.56
CA ARG B 172 15.67 12.16 6.15
CA ARG B 172 15.65 12.30 6.07
C ARG B 172 15.70 11.50 4.77
N ALA B 173 16.63 11.89 3.92
CA ALA B 173 16.69 11.41 2.53
C ALA B 173 16.77 9.89 2.45
N GLY B 174 17.39 9.20 3.39
CA GLY B 174 17.51 7.72 3.21
C GLY B 174 16.22 6.93 3.39
N LEU B 175 15.17 7.49 3.95
CA LEU B 175 14.03 6.67 4.43
C LEU B 175 13.29 6.01 3.26
N VAL B 176 12.90 4.75 3.41
CA VAL B 176 11.95 4.08 2.48
C VAL B 176 10.66 3.75 3.22
N THR B 177 10.64 3.89 4.56
CA THR B 177 9.46 3.84 5.45
C THR B 177 9.61 4.94 6.48
N PRO B 178 8.55 5.35 7.24
CA PRO B 178 8.78 6.32 8.29
C PRO B 178 9.67 5.66 9.34
N PRO B 179 10.37 6.50 10.10
CA PRO B 179 11.30 6.03 11.09
C PRO B 179 10.53 5.55 12.30
N PRO B 180 11.17 4.70 13.12
CA PRO B 180 10.57 4.32 14.40
C PRO B 180 10.52 5.53 15.34
N LYS B 181 9.53 5.52 16.21
CA LYS B 181 9.43 6.53 17.31
CA LYS B 181 9.43 6.53 17.30
C LYS B 181 10.56 6.30 18.31
N ASN B 182 11.00 5.06 18.44
CA ASN B 182 11.91 4.61 19.52
C ASN B 182 12.90 3.65 18.90
N PRO B 183 14.22 3.94 18.96
CA PRO B 183 15.20 3.09 18.30
C PRO B 183 15.25 1.66 18.81
N HIS B 184 14.76 1.42 20.03
CA HIS B 184 14.75 0.06 20.64
C HIS B 184 13.45 -0.67 20.33
N ASN B 185 12.56 -0.07 19.55
CA ASN B 185 11.32 -0.74 19.06
C ASN B 185 11.14 -0.38 17.60
N PRO B 186 11.94 -1.01 16.72
CA PRO B 186 12.05 -0.56 15.34
C PRO B 186 10.76 -0.69 14.52
N THR B 187 9.77 -1.45 14.99
CA THR B 187 8.53 -1.70 14.21
C THR B 187 7.40 -0.72 14.56
N ASP B 188 7.58 0.13 15.57
CA ASP B 188 6.52 1.07 16.01
C ASP B 188 6.82 2.43 15.39
N LEU B 189 6.16 2.72 14.27
CA LEU B 189 6.58 3.79 13.33
C LEU B 189 5.79 5.08 13.53
N PHE B 190 6.45 6.18 13.20
CA PHE B 190 5.75 7.43 12.86
C PHE B 190 4.83 7.16 11.65
N ASP B 191 3.74 7.94 11.50
CA ASP B 191 2.80 7.74 10.38
C ASP B 191 3.34 8.41 9.11
N SER B 192 4.05 9.52 9.25
CA SER B 192 4.55 10.29 8.11
C SER B 192 5.78 11.07 8.55
N VAL B 193 6.45 11.70 7.61
CA VAL B 193 7.51 12.67 7.95
C VAL B 193 7.24 14.02 7.29
N THR B 194 7.99 15.01 7.75
CA THR B 194 7.85 16.42 7.32
C THR B 194 9.23 17.05 7.15
N ASN B 195 9.26 18.24 6.56
CA ASN B 195 10.51 19.02 6.41
C ASN B 195 10.86 19.69 7.76
N ASN B 196 9.85 19.99 8.58
CA ASN B 196 10.03 20.83 9.80
C ASN B 196 8.82 20.62 10.71
N THR B 197 8.99 20.09 11.92
CA THR B 197 7.85 19.72 12.80
C THR B 197 7.19 20.98 13.34
N ARG B 198 7.96 22.06 13.52
CA ARG B 198 7.53 23.35 14.10
C ARG B 198 6.66 24.08 13.06
N SER B 199 7.06 24.04 11.79
CA SER B 199 6.37 24.74 10.68
C SER B 199 6.34 23.81 9.47
N PRO B 200 5.51 22.75 9.48
CA PRO B 200 5.48 21.80 8.37
C PRO B 200 5.00 22.49 7.10
N LYS B 201 5.72 22.27 5.99
CA LYS B 201 5.28 22.72 4.65
C LYS B 201 5.11 21.54 3.69
N LEU B 202 5.66 20.37 4.01
CA LEU B 202 5.48 19.17 3.19
C LEU B 202 5.38 17.97 4.10
N PHE B 203 4.66 16.97 3.61
CA PHE B 203 4.56 15.65 4.28
C PHE B 203 4.89 14.58 3.26
N VAL B 204 5.53 13.53 3.75
CA VAL B 204 5.88 12.36 2.91
C VAL B 204 5.20 11.15 3.52
N VAL B 205 4.45 10.40 2.70
CA VAL B 205 3.86 9.11 3.13
C VAL B 205 4.45 7.95 2.30
N PHE B 206 4.56 6.81 2.97
CA PHE B 206 5.33 5.67 2.47
C PHE B 206 4.47 4.42 2.25
N PHE B 207 3.14 4.51 2.37
CA PHE B 207 2.25 3.35 2.22
C PHE B 207 1.11 3.70 1.28
N ASP B 208 0.63 2.67 0.61
CA ASP B 208 -0.55 2.78 -0.26
C ASP B 208 -1.77 3.11 0.61
N ASN B 209 -2.72 3.82 0.04
CA ASN B 209 -4.03 4.03 0.70
C ASN B 209 -3.87 4.89 1.97
N GLN B 210 -2.82 5.73 2.03
CA GLN B 210 -2.63 6.72 3.10
C GLN B 210 -3.04 8.10 2.61
N ALA B 211 -3.43 8.21 1.34
CA ALA B 211 -3.81 9.48 0.71
C ALA B 211 -4.97 9.24 -0.24
N TYR B 212 -6.04 10.00 -0.13
CA TYR B 212 -7.20 9.87 -1.01
C TYR B 212 -7.25 11.11 -1.89
N PRO B 213 -7.11 10.99 -3.22
CA PRO B 213 -7.23 12.15 -4.12
C PRO B 213 -8.70 12.57 -4.18
N GLU B 214 -9.02 13.73 -3.61
CA GLU B 214 -10.42 14.14 -3.41
C GLU B 214 -10.88 15.10 -4.51
N TYR B 215 -10.04 16.05 -4.91
CA TYR B 215 -10.37 17.02 -5.98
C TYR B 215 -9.20 17.10 -6.95
N LEU B 216 -9.53 17.35 -8.21
CA LEU B 216 -8.54 17.69 -9.25
C LEU B 216 -8.83 19.12 -9.69
N ILE B 217 -7.83 19.98 -9.51
CA ILE B 217 -7.87 21.37 -9.98
C ILE B 217 -7.13 21.42 -11.31
N THR B 218 -7.81 21.89 -12.34
CA THR B 218 -7.19 22.20 -13.64
C THR B 218 -7.07 23.72 -13.69
N PHE B 219 -5.88 24.22 -13.99
CA PHE B 219 -5.63 25.69 -13.90
C PHE B 219 -4.60 26.09 -14.94
N THR B 220 -4.58 27.40 -15.20
CA THR B 220 -3.67 27.99 -16.21
C THR B 220 -3.04 29.26 -15.65
N ALA B 221 -2.00 29.75 -16.31
CA ALA B 221 -1.51 31.13 -16.11
C ALA B 221 -2.56 32.09 -16.66
C4 IAJ C . 13.24 -11.66 -4.30
C5 IAJ C . 12.98 -11.81 -2.95
C6 IAJ C . 12.43 -13.00 -2.52
C7 IAJ C . 11.43 -14.96 -1.43
C8 IAJ C . 11.06 -16.40 -3.03
C9 IAJ C . 12.10 -14.02 -3.43
N1 IAJ C . 10.89 -16.01 -0.86
N2 IAJ C . 10.67 -16.95 -1.90
C3 IAJ C . 12.94 -12.68 -5.21
N3 IAJ C . 11.54 -15.14 -2.78
C1 IAJ C . 12.51 -15.04 -6.86
O1 IAJ C . 12.02 -14.98 -5.51
C2 IAJ C . 12.36 -13.87 -4.78
S1 IAJ C . 11.97 -13.43 -0.85
S DMS D . 4.54 18.40 -5.27
O DMS D . 3.15 18.76 -5.16
C1 DMS D . 4.55 16.74 -5.88
C2 DMS D . 5.16 18.21 -3.61
#